data_8JT8
#
_entry.id   8JT8
#
_cell.length_a   48.890
_cell.length_b   54.030
_cell.length_c   177.840
_cell.angle_alpha   90.000
_cell.angle_beta   90.000
_cell.angle_gamma   90.000
#
_symmetry.space_group_name_H-M   'P 21 2 21'
#
loop_
_entity.id
_entity.type
_entity.pdbx_description
1 polymer '5-hydroxytryptamine receptor 2A,Soluble cytochrome b562'
2 non-polymer 'MAGNESIUM ION'
3 non-polymer 1-(4-fluorophenyl)-4-[(7R)-2,5,11-triazatetracyclo[7.6.1.0^2,7.0^12,16]hexadeca-1(15),9,12(16),13-tetraen-5-yl]butan-1-one
4 non-polymer '(2R)-2,3-dihydroxypropyl (9Z)-octadec-9-enoate'
5 non-polymer CHOLESTEROL
6 non-polymer 'PENTAETHYLENE GLYCOL'
7 non-polymer DI(HYDROXYETHYL)ETHER
#
_entity_poly.entity_id   1
_entity_poly.type   'polypeptide(L)'
_entity_poly.pdbx_seq_one_letter_code
;GGTHLQEKNWSALLTAVVIILTIAGNILVIMAVSLEKKLQNATNYFLMSLAIADMLLGFLVMPVSMLTILYGYRWPLPSK
LCAVWIYLDVLFSTAKIWHLCAISLDRYVAIQNPIHHSRFNSRTKAFLKIIAVWTISVGISMPIPVFGLQDDSKVFKEGS
CLLADDNFVLIGSFVSFFIPLTIMVITYFLTIKSLQKEAADLEDNWETLNDNLKVIEKADNAAQVKDALTKMRAAALDAG
SGSGDILVGQIDDALKLANEGKVKEAQAAAEQLKTTINAYIQKYGQSISNEQKACKVLGIVFFLFVVMWCPFFITNIMAV
ICKESCNEDVIGALLNVFVWIGYLNSAVNPLVYTLFNKTYRSAFSRYIQCQYKENK
;
_entity_poly.pdbx_strand_id   A
#
# COMPACT_ATOMS: atom_id res chain seq x y z
N LYS A 8 26.38 3.39 -29.27
CA LYS A 8 25.13 3.66 -28.50
C LYS A 8 24.27 2.39 -28.48
N ASN A 9 23.13 2.44 -27.78
CA ASN A 9 22.20 1.28 -27.67
C ASN A 9 20.77 1.75 -27.81
N TRP A 10 19.92 0.93 -28.43
CA TRP A 10 18.45 1.17 -28.45
C TRP A 10 17.92 0.97 -27.03
N SER A 11 18.66 0.22 -26.22
CA SER A 11 18.31 0.00 -24.79
C SER A 11 18.27 1.36 -24.10
N ALA A 12 19.22 2.24 -24.43
CA ALA A 12 19.25 3.60 -23.85
C ALA A 12 17.97 4.34 -24.24
N LEU A 13 17.48 4.15 -25.46
CA LEU A 13 16.23 4.81 -25.89
C LEU A 13 15.08 4.30 -25.03
N LEU A 14 15.00 2.98 -24.82
CA LEU A 14 13.87 2.41 -24.06
C LEU A 14 13.92 2.94 -22.63
N THR A 15 15.11 3.03 -22.05
CA THR A 15 15.28 3.48 -20.65
C THR A 15 14.79 4.92 -20.51
N ALA A 16 15.06 5.75 -21.50
CA ALA A 16 14.66 7.17 -21.46
C ALA A 16 13.15 7.24 -21.31
N VAL A 17 12.41 6.40 -22.01
CA VAL A 17 10.93 6.38 -21.85
C VAL A 17 10.62 6.10 -20.38
N VAL A 18 11.29 5.10 -19.83
CA VAL A 18 11.02 4.55 -18.48
C VAL A 18 11.34 5.62 -17.43
N ILE A 19 12.38 6.43 -17.65
CA ILE A 19 12.71 7.61 -16.82
C ILE A 19 11.57 8.62 -16.91
N ILE A 20 11.02 8.85 -18.10
CA ILE A 20 10.02 9.94 -18.30
C ILE A 20 8.69 9.52 -17.68
N LEU A 21 8.21 8.30 -17.97
CA LEU A 21 6.97 7.75 -17.39
C LEU A 21 7.04 7.75 -15.87
N THR A 22 8.20 7.45 -15.32
CA THR A 22 8.44 7.52 -13.87
C THR A 22 8.34 8.95 -13.36
N ILE A 23 8.98 9.87 -14.06
CA ILE A 23 8.98 11.28 -13.58
C ILE A 23 7.61 11.91 -13.85
N ALA A 24 7.00 11.66 -15.01
CA ALA A 24 5.71 12.29 -15.38
C ALA A 24 4.58 11.69 -14.55
N GLY A 25 4.60 10.38 -14.36
CA GLY A 25 3.50 9.72 -13.65
C GLY A 25 3.55 10.07 -12.17
N ASN A 26 4.73 10.06 -11.56
CA ASN A 26 4.78 10.16 -10.09
C ASN A 26 4.62 11.60 -9.65
N ILE A 27 4.95 12.56 -10.50
CA ILE A 27 4.69 13.99 -10.19
C ILE A 27 3.18 14.19 -10.12
N LEU A 28 2.44 13.53 -10.99
CA LEU A 28 0.97 13.60 -11.01
C LEU A 28 0.42 13.01 -9.73
N VAL A 29 1.04 11.94 -9.22
CA VAL A 29 0.58 11.30 -7.95
C VAL A 29 0.82 12.25 -6.80
N ILE A 30 1.96 12.93 -6.84
CA ILE A 30 2.31 13.93 -5.79
C ILE A 30 1.36 15.11 -5.95
N MET A 31 1.05 15.47 -7.18
CA MET A 31 0.07 16.56 -7.43
C MET A 31 -1.35 16.13 -7.07
N ALA A 32 -1.72 14.86 -7.22
CA ALA A 32 -3.06 14.41 -6.81
C ALA A 32 -3.18 14.49 -5.29
N VAL A 33 -2.23 13.95 -4.55
CA VAL A 33 -2.33 13.87 -3.07
C VAL A 33 -2.13 15.25 -2.45
N SER A 34 -1.34 16.13 -3.05
CA SER A 34 -1.13 17.49 -2.50
C SER A 34 -2.37 18.36 -2.75
N LEU A 35 -3.11 18.11 -3.81
CA LEU A 35 -4.17 19.06 -4.23
C LEU A 35 -5.56 18.50 -3.94
N GLU A 36 -5.80 17.24 -4.27
CA GLU A 36 -7.17 16.69 -4.20
C GLU A 36 -7.51 16.40 -2.75
N LYS A 37 -8.67 16.87 -2.29
CA LYS A 37 -9.12 16.69 -0.90
C LYS A 37 -9.59 15.23 -0.68
N LYS A 38 -9.95 14.49 -1.72
CA LYS A 38 -10.45 13.11 -1.49
C LYS A 38 -9.28 12.14 -1.36
N LEU A 39 -8.06 12.57 -1.66
CA LEU A 39 -6.85 11.72 -1.47
C LEU A 39 -6.07 12.19 -0.25
N GLN A 40 -6.74 12.56 0.84
CA GLN A 40 -6.00 13.10 2.01
C GLN A 40 -5.99 12.10 3.17
N ASN A 41 -6.23 10.82 2.93
CA ASN A 41 -6.10 9.87 4.07
C ASN A 41 -4.65 9.42 4.17
N ALA A 42 -4.35 8.62 5.19
CA ALA A 42 -2.98 8.25 5.59
C ALA A 42 -2.37 7.36 4.52
N THR A 43 -3.14 6.49 3.91
CA THR A 43 -2.64 5.55 2.88
C THR A 43 -2.18 6.37 1.69
N ASN A 44 -2.93 7.41 1.34
CA ASN A 44 -2.57 8.23 0.15
C ASN A 44 -1.38 9.11 0.47
N TYR A 45 -1.17 9.46 1.73
CA TYR A 45 0.07 10.17 2.14
C TYR A 45 1.29 9.26 1.96
N PHE A 46 1.15 7.98 2.26
CA PHE A 46 2.21 7.00 1.98
C PHE A 46 2.42 6.84 0.49
N LEU A 47 1.35 6.84 -0.30
CA LEU A 47 1.48 6.69 -1.78
C LEU A 47 2.10 7.94 -2.39
N MET A 48 1.97 9.09 -1.78
CA MET A 48 2.67 10.29 -2.27
C MET A 48 4.17 10.14 -1.97
N SER A 49 4.49 9.72 -0.75
CA SER A 49 5.86 9.49 -0.27
C SER A 49 6.55 8.38 -1.09
N LEU A 50 5.80 7.34 -1.43
CA LEU A 50 6.25 6.28 -2.36
C LEU A 50 6.55 6.89 -3.73
N ALA A 51 5.69 7.76 -4.21
CA ALA A 51 5.89 8.44 -5.51
C ALA A 51 7.05 9.42 -5.42
N ILE A 52 7.42 9.87 -4.24
CA ILE A 52 8.61 10.76 -4.08
C ILE A 52 9.85 9.90 -4.31
N ALA A 53 9.88 8.72 -3.69
CA ALA A 53 10.94 7.71 -3.84
C ALA A 53 11.01 7.29 -5.31
N ASP A 54 9.88 7.12 -5.96
CA ASP A 54 9.87 6.81 -7.40
C ASP A 54 10.36 8.00 -8.21
N MET A 55 9.96 9.23 -7.88
CA MET A 55 10.38 10.40 -8.66
C MET A 55 11.89 10.60 -8.54
N LEU A 56 12.42 10.44 -7.34
CA LEU A 56 13.87 10.63 -7.08
C LEU A 56 14.68 9.51 -7.74
N LEU A 57 14.16 8.30 -7.78
CA LEU A 57 14.82 7.17 -8.48
C LEU A 57 14.84 7.48 -9.98
N GLY A 58 13.79 8.05 -10.54
CA GLY A 58 13.78 8.44 -11.97
C GLY A 58 14.70 9.61 -12.24
N PHE A 59 14.89 10.51 -11.28
CA PHE A 59 15.75 11.70 -11.48
C PHE A 59 17.21 11.36 -11.23
N LEU A 60 17.50 10.62 -10.19
CA LEU A 60 18.90 10.52 -9.71
C LEU A 60 19.51 9.19 -10.10
N VAL A 61 18.76 8.11 -10.01
CA VAL A 61 19.34 6.76 -10.14
C VAL A 61 19.21 6.27 -11.56
N MET A 62 18.01 6.27 -12.05
CA MET A 62 17.69 5.81 -13.43
C MET A 62 18.40 6.54 -14.56
N PRO A 63 18.73 7.86 -14.57
CA PRO A 63 19.48 8.39 -15.70
C PRO A 63 20.96 8.00 -15.73
N VAL A 64 21.53 7.84 -14.54
CA VAL A 64 22.92 7.34 -14.37
C VAL A 64 23.01 5.90 -14.86
N SER A 65 21.99 5.08 -14.59
CA SER A 65 21.94 3.68 -15.05
C SER A 65 21.85 3.64 -16.58
N MET A 66 21.13 4.58 -17.18
CA MET A 66 21.09 4.75 -18.65
C MET A 66 22.46 5.19 -19.18
N LEU A 67 23.16 6.01 -18.43
CA LEU A 67 24.49 6.54 -18.84
C LEU A 67 25.49 5.40 -18.83
N THR A 68 25.40 4.49 -17.89
CA THR A 68 26.29 3.32 -17.87
C THR A 68 25.91 2.34 -18.96
N ILE A 69 24.67 2.31 -19.41
CA ILE A 69 24.28 1.46 -20.60
C ILE A 69 25.02 2.01 -21.80
N LEU A 70 25.10 3.33 -21.90
CA LEU A 70 25.80 4.03 -23.00
C LEU A 70 27.31 3.86 -22.90
N TYR A 71 27.87 3.48 -21.76
CA TYR A 71 29.34 3.28 -21.69
C TYR A 71 29.65 1.80 -21.45
N GLY A 72 28.78 0.89 -21.88
CA GLY A 72 29.00 -0.57 -21.85
C GLY A 72 29.17 -1.13 -20.44
N TYR A 73 28.56 -0.49 -19.45
CA TYR A 73 28.63 -0.74 -17.98
C TYR A 73 30.04 -0.55 -17.45
N ARG A 74 30.91 0.10 -18.20
CA ARG A 74 32.11 0.75 -17.62
C ARG A 74 31.58 2.04 -17.01
N TRP A 75 31.91 2.28 -15.75
CA TRP A 75 31.41 3.43 -14.97
C TRP A 75 32.00 4.75 -15.47
N PRO A 76 31.17 5.68 -15.99
CA PRO A 76 31.70 6.94 -16.53
C PRO A 76 32.00 8.06 -15.52
N LEU A 77 31.43 8.00 -14.34
CA LEU A 77 31.49 9.15 -13.42
C LEU A 77 32.72 8.95 -12.55
N PRO A 78 33.15 9.94 -11.72
CA PRO A 78 33.99 9.71 -10.55
C PRO A 78 33.73 8.44 -9.73
N SER A 79 34.79 7.84 -9.24
CA SER A 79 34.74 6.47 -8.70
C SER A 79 34.06 6.51 -7.32
N LYS A 80 34.20 7.62 -6.61
CA LYS A 80 33.47 7.84 -5.33
C LYS A 80 32.00 8.24 -5.57
N LEU A 81 31.56 8.47 -6.80
CA LEU A 81 30.12 8.64 -7.07
C LEU A 81 29.43 7.29 -7.26
N CYS A 82 30.16 6.20 -7.26
CA CYS A 82 29.55 4.89 -7.52
C CYS A 82 28.79 4.46 -6.28
N ALA A 83 29.47 4.53 -5.14
CA ALA A 83 28.88 4.08 -3.86
C ALA A 83 27.77 5.04 -3.44
N VAL A 84 27.83 6.28 -3.88
CA VAL A 84 26.75 7.24 -3.60
C VAL A 84 25.56 6.88 -4.49
N TRP A 85 25.82 6.54 -5.76
CA TRP A 85 24.74 6.10 -6.67
C TRP A 85 24.12 4.79 -6.22
N ILE A 86 24.91 3.82 -5.76
CA ILE A 86 24.32 2.54 -5.27
C ILE A 86 23.58 2.83 -3.96
N TYR A 87 24.05 3.78 -3.15
CA TYR A 87 23.36 4.11 -1.89
C TYR A 87 21.99 4.67 -2.20
N LEU A 88 21.85 5.57 -3.17
CA LEU A 88 20.53 6.20 -3.43
C LEU A 88 19.61 5.19 -4.09
N ASP A 89 20.16 4.39 -4.97
CA ASP A 89 19.44 3.28 -5.64
C ASP A 89 18.82 2.32 -4.62
N VAL A 90 19.64 1.80 -3.72
CA VAL A 90 19.17 0.88 -2.66
C VAL A 90 18.25 1.62 -1.71
N LEU A 91 18.52 2.88 -1.41
CA LEU A 91 17.70 3.72 -0.47
C LEU A 91 16.28 3.87 -1.00
N PHE A 92 16.12 4.26 -2.26
CA PHE A 92 14.78 4.58 -2.77
C PHE A 92 13.93 3.31 -2.79
N SER A 93 14.49 2.23 -3.28
CA SER A 93 13.76 0.95 -3.38
C SER A 93 13.52 0.37 -1.99
N THR A 94 14.49 0.47 -1.09
CA THR A 94 14.31 -0.03 0.31
C THR A 94 13.20 0.79 0.95
N ALA A 95 13.14 2.09 0.67
CA ALA A 95 12.05 2.94 1.20
C ALA A 95 10.73 2.44 0.62
N LYS A 96 10.73 2.12 -0.66
CA LYS A 96 9.49 1.68 -1.33
C LYS A 96 8.96 0.39 -0.68
N ILE A 97 9.81 -0.61 -0.41
CA ILE A 97 9.29 -1.86 0.23
C ILE A 97 8.83 -1.54 1.65
N TRP A 98 9.54 -0.71 2.41
CA TRP A 98 9.12 -0.47 3.81
C TRP A 98 7.88 0.42 3.81
N HIS A 99 7.69 1.22 2.76
CA HIS A 99 6.43 1.99 2.59
C HIS A 99 5.30 1.03 2.35
N LEU A 100 5.47 0.11 1.42
CA LEU A 100 4.38 -0.84 1.08
C LEU A 100 4.11 -1.73 2.28
N CYS A 101 5.12 -2.02 3.05
CA CYS A 101 4.94 -2.73 4.32
C CYS A 101 4.17 -1.86 5.31
N ALA A 102 4.37 -0.55 5.31
CA ALA A 102 3.76 0.34 6.33
C ALA A 102 2.27 0.54 6.03
N ILE A 103 1.93 0.69 4.75
CA ILE A 103 0.53 0.71 4.24
C ILE A 103 -0.21 -0.56 4.66
N SER A 104 0.44 -1.70 4.47
CA SER A 104 -0.14 -3.03 4.74
C SER A 104 -0.39 -3.16 6.23
N LEU A 105 0.58 -2.73 7.02
CA LEU A 105 0.53 -2.88 8.50
C LEU A 105 -0.49 -1.91 9.08
N ASP A 106 -0.49 -0.66 8.62
CA ASP A 106 -1.31 0.39 9.24
C ASP A 106 -2.78 0.20 8.86
N ARG A 107 -3.06 -0.36 7.70
CA ARG A 107 -4.46 -0.73 7.35
C ARG A 107 -4.93 -1.89 8.20
N TYR A 108 -4.04 -2.78 8.61
CA TYR A 108 -4.41 -3.90 9.49
C TYR A 108 -4.74 -3.34 10.87
N VAL A 109 -3.92 -2.46 11.41
CA VAL A 109 -4.07 -1.96 12.80
C VAL A 109 -5.27 -1.01 12.84
N ALA A 110 -5.62 -0.36 11.72
CA ALA A 110 -6.75 0.58 11.61
C ALA A 110 -8.07 -0.16 11.72
N ILE A 111 -8.10 -1.46 11.52
CA ILE A 111 -9.36 -2.23 11.71
C ILE A 111 -9.65 -2.42 13.20
N GLN A 112 -8.69 -2.88 13.99
CA GLN A 112 -8.92 -3.04 15.46
C GLN A 112 -8.48 -1.82 16.27
N ASN A 113 -8.40 -0.64 15.69
CA ASN A 113 -8.34 0.62 16.49
C ASN A 113 -9.31 1.65 15.93
N PRO A 114 -10.62 1.38 15.84
CA PRO A 114 -11.45 2.30 15.04
C PRO A 114 -11.98 3.49 15.85
N SER A 122 -4.78 11.00 12.34
CA SER A 122 -4.17 12.31 11.96
C SER A 122 -3.27 12.22 10.71
N ARG A 123 -3.12 13.35 10.05
CA ARG A 123 -2.18 13.53 8.91
C ARG A 123 -0.76 13.51 9.49
N THR A 124 -0.58 14.06 10.67
CA THR A 124 0.72 14.10 11.36
C THR A 124 1.16 12.68 11.64
N LYS A 125 0.22 11.82 12.05
CA LYS A 125 0.56 10.42 12.38
C LYS A 125 1.08 9.77 11.10
N ALA A 126 0.50 10.08 9.95
CA ALA A 126 1.06 9.58 8.69
C ALA A 126 2.50 10.07 8.55
N PHE A 127 2.76 11.33 8.86
CA PHE A 127 4.08 11.94 8.58
C PHE A 127 5.12 11.46 9.58
N LEU A 128 4.73 11.06 10.78
CA LEU A 128 5.67 10.37 11.69
C LEU A 128 6.02 9.01 11.13
N LYS A 129 5.06 8.31 10.52
CA LYS A 129 5.29 6.91 10.05
C LYS A 129 6.20 6.94 8.82
N ILE A 130 5.89 7.84 7.89
CA ILE A 130 6.65 8.06 6.61
C ILE A 130 8.11 8.32 6.96
N ILE A 131 8.34 9.25 7.87
CA ILE A 131 9.71 9.71 8.24
C ILE A 131 10.42 8.58 8.98
N ALA A 132 9.71 7.82 9.80
CA ALA A 132 10.25 6.61 10.46
C ALA A 132 10.69 5.59 9.41
N VAL A 133 9.91 5.45 8.35
CA VAL A 133 10.20 4.48 7.27
C VAL A 133 11.41 4.96 6.47
N TRP A 134 11.50 6.27 6.24
CA TRP A 134 12.66 6.88 5.53
C TRP A 134 13.94 6.72 6.33
N THR A 135 13.94 7.00 7.62
CA THR A 135 15.17 6.88 8.45
C THR A 135 15.57 5.42 8.62
N ILE A 136 14.59 4.51 8.67
CA ILE A 136 14.86 3.05 8.65
C ILE A 136 15.61 2.73 7.36
N SER A 137 15.13 3.25 6.24
CA SER A 137 15.78 2.98 4.94
C SER A 137 17.12 3.72 4.83
N VAL A 138 17.27 4.86 5.47
CA VAL A 138 18.53 5.62 5.35
C VAL A 138 19.62 4.85 6.08
N GLY A 139 19.29 4.29 7.22
CA GLY A 139 20.30 3.56 8.01
C GLY A 139 20.52 2.10 7.61
N ILE A 140 19.53 1.44 7.04
CA ILE A 140 19.74 0.05 6.54
C ILE A 140 20.68 0.11 5.34
N SER A 141 20.57 1.14 4.51
CA SER A 141 21.34 1.26 3.26
C SER A 141 22.70 1.92 3.52
N MET A 142 22.89 2.48 4.71
CA MET A 142 24.08 3.16 5.22
C MET A 142 25.40 2.37 5.11
N PRO A 143 25.52 1.02 5.26
CA PRO A 143 26.81 0.40 5.01
C PRO A 143 27.30 0.49 3.56
N ILE A 144 26.45 0.80 2.60
CA ILE A 144 26.91 0.92 1.19
C ILE A 144 27.81 2.13 1.03
N PRO A 145 27.52 3.39 1.46
CA PRO A 145 28.57 4.38 1.36
C PRO A 145 29.61 4.23 2.47
N VAL A 146 29.28 3.68 3.64
CA VAL A 146 30.27 3.65 4.75
C VAL A 146 31.42 2.71 4.37
N PHE A 147 31.12 1.54 3.83
CA PHE A 147 32.19 0.58 3.47
C PHE A 147 32.55 0.67 1.98
N GLY A 148 31.65 1.05 1.08
CA GLY A 148 32.00 1.05 -0.35
C GLY A 148 32.78 2.27 -0.75
N LEU A 149 32.69 3.36 0.00
CA LEU A 149 33.59 4.49 -0.29
C LEU A 149 34.97 4.19 0.25
N GLN A 150 35.12 3.28 1.19
CA GLN A 150 36.47 2.99 1.70
C GLN A 150 37.12 1.83 0.96
N ASP A 151 36.45 1.23 -0.01
CA ASP A 151 36.90 -0.01 -0.66
C ASP A 151 36.13 -0.15 -1.96
N ASP A 152 36.79 0.04 -3.06
CA ASP A 152 36.16 0.02 -4.40
C ASP A 152 35.80 -1.41 -4.78
N SER A 153 36.39 -2.41 -4.15
CA SER A 153 36.05 -3.83 -4.44
C SER A 153 34.66 -4.20 -3.90
N LYS A 154 34.05 -3.38 -3.05
CA LYS A 154 32.67 -3.63 -2.60
C LYS A 154 31.69 -3.03 -3.60
N VAL A 155 32.09 -2.01 -4.35
CA VAL A 155 31.17 -1.32 -5.28
C VAL A 155 31.66 -1.41 -6.73
N PHE A 156 32.73 -2.16 -7.03
CA PHE A 156 33.18 -2.30 -8.43
C PHE A 156 33.53 -3.74 -8.73
N LYS A 157 33.27 -4.12 -9.98
CA LYS A 157 33.53 -5.48 -10.50
C LYS A 157 33.81 -5.35 -11.99
N GLU A 158 35.09 -5.44 -12.36
CA GLU A 158 35.61 -5.26 -13.76
C GLU A 158 35.22 -3.83 -14.16
N GLY A 159 35.42 -2.89 -13.24
CA GLY A 159 35.04 -1.48 -13.47
C GLY A 159 33.54 -1.26 -13.64
N SER A 160 32.66 -2.21 -13.30
CA SER A 160 31.21 -1.98 -13.33
C SER A 160 30.82 -1.53 -11.94
N CYS A 161 30.22 -0.36 -11.84
CA CYS A 161 29.60 0.03 -10.56
C CYS A 161 28.33 -0.80 -10.33
N LEU A 162 28.35 -1.53 -9.23
CA LEU A 162 27.30 -2.45 -8.74
C LEU A 162 27.81 -2.94 -7.38
N LEU A 163 26.90 -3.29 -6.50
CA LEU A 163 27.28 -3.79 -5.15
C LEU A 163 27.96 -5.16 -5.29
N ALA A 164 29.27 -5.17 -5.14
CA ALA A 164 30.11 -6.33 -5.50
C ALA A 164 30.33 -7.26 -4.32
N ASP A 165 30.21 -6.80 -3.08
CA ASP A 165 30.33 -7.69 -1.89
C ASP A 165 29.09 -8.61 -1.82
N ASP A 166 29.29 -9.91 -1.87
CA ASP A 166 28.18 -10.90 -1.80
C ASP A 166 27.52 -10.87 -0.42
N ASN A 167 28.28 -10.54 0.62
CA ASN A 167 27.75 -10.47 2.00
C ASN A 167 26.82 -9.27 2.14
N PHE A 168 27.02 -8.22 1.35
CA PHE A 168 26.04 -7.11 1.36
C PHE A 168 24.82 -7.55 0.57
N VAL A 169 25.02 -8.32 -0.48
CA VAL A 169 23.87 -8.68 -1.35
C VAL A 169 23.02 -9.74 -0.64
N LEU A 170 23.64 -10.66 0.08
CA LEU A 170 22.86 -11.66 0.85
C LEU A 170 22.16 -10.97 2.01
N ILE A 171 22.88 -10.21 2.80
CA ILE A 171 22.28 -9.68 4.04
C ILE A 171 21.37 -8.50 3.71
N GLY A 172 21.70 -7.72 2.69
CA GLY A 172 20.80 -6.67 2.18
C GLY A 172 19.52 -7.19 1.56
N SER A 173 19.57 -8.33 0.92
CA SER A 173 18.30 -8.91 0.39
C SER A 173 17.44 -9.48 1.53
N PHE A 174 18.04 -9.99 2.59
CA PHE A 174 17.27 -10.64 3.67
C PHE A 174 16.66 -9.55 4.55
N VAL A 175 17.46 -8.60 4.97
CA VAL A 175 17.02 -7.56 5.92
C VAL A 175 16.14 -6.56 5.19
N SER A 176 16.43 -6.24 3.94
CA SER A 176 15.69 -5.12 3.29
C SER A 176 14.83 -5.60 2.12
N PHE A 177 14.75 -6.88 1.84
CA PHE A 177 13.74 -7.28 0.85
C PHE A 177 12.92 -8.46 1.33
N PHE A 178 13.52 -9.46 1.96
CA PHE A 178 12.78 -10.67 2.37
C PHE A 178 11.86 -10.33 3.55
N ILE A 179 12.45 -9.93 4.68
CA ILE A 179 11.63 -9.65 5.88
C ILE A 179 10.69 -8.45 5.74
N PRO A 180 10.85 -7.37 4.92
CA PRO A 180 9.70 -6.50 4.76
C PRO A 180 8.59 -7.12 3.90
N LEU A 181 8.93 -7.95 2.92
CA LEU A 181 7.92 -8.63 2.08
C LEU A 181 7.15 -9.63 2.93
N THR A 182 7.82 -10.27 3.87
CA THR A 182 7.17 -11.26 4.76
C THR A 182 6.11 -10.56 5.62
N ILE A 183 6.46 -9.41 6.21
CA ILE A 183 5.53 -8.62 7.05
C ILE A 183 4.43 -8.05 6.18
N MET A 184 4.75 -7.75 4.93
CA MET A 184 3.76 -7.23 3.96
C MET A 184 2.75 -8.30 3.64
N VAL A 185 3.20 -9.51 3.37
CA VAL A 185 2.28 -10.54 2.82
C VAL A 185 1.47 -11.14 3.98
N ILE A 186 1.95 -11.06 5.21
CA ILE A 186 1.16 -11.52 6.37
C ILE A 186 0.03 -10.53 6.56
N THR A 187 0.37 -9.25 6.71
CA THR A 187 -0.59 -8.20 7.13
C THR A 187 -1.57 -7.92 6.00
N TYR A 188 -1.21 -8.19 4.76
CA TYR A 188 -2.19 -8.11 3.66
C TYR A 188 -3.21 -9.25 3.72
N PHE A 189 -2.74 -10.46 3.99
CA PHE A 189 -3.64 -11.63 4.14
C PHE A 189 -4.52 -11.41 5.37
N LEU A 190 -3.96 -10.84 6.41
CA LEU A 190 -4.76 -10.68 7.63
C LEU A 190 -5.76 -9.53 7.48
N THR A 191 -5.44 -8.54 6.67
CA THR A 191 -6.38 -7.43 6.40
C THR A 191 -7.53 -8.00 5.57
N ILE A 192 -7.22 -8.83 4.57
CA ILE A 192 -8.24 -9.44 3.67
C ILE A 192 -9.22 -10.29 4.51
N LYS A 193 -8.70 -11.05 5.47
CA LYS A 193 -9.52 -11.89 6.37
C LYS A 193 -10.27 -11.00 7.36
N SER A 194 -9.64 -9.94 7.88
CA SER A 194 -10.32 -8.99 8.81
C SER A 194 -11.54 -8.38 8.10
N LEU A 195 -11.41 -8.03 6.84
CA LEU A 195 -12.55 -7.34 6.18
C LEU A 195 -13.62 -8.35 5.84
N GLN A 196 -13.23 -9.60 5.62
CA GLN A 196 -14.22 -10.65 5.29
C GLN A 196 -15.00 -11.01 6.55
N LYS A 197 -14.34 -11.00 7.70
CA LYS A 197 -15.03 -11.21 8.98
C LYS A 197 -15.94 -10.02 9.25
N GLU A 198 -15.47 -8.80 8.98
CA GLU A 198 -16.25 -7.56 9.25
C GLU A 198 -17.44 -7.51 8.32
N ALA A 199 -17.31 -7.97 7.08
CA ALA A 199 -18.46 -8.02 6.16
C ALA A 199 -19.43 -9.10 6.66
N ALA A 200 -18.90 -10.19 7.21
CA ALA A 200 -19.73 -11.32 7.65
C ALA A 200 -20.37 -10.96 8.99
N ASP A 201 -19.67 -10.26 9.87
CA ASP A 201 -20.21 -9.82 11.17
C ASP A 201 -21.43 -8.91 10.93
N LEU A 202 -21.40 -8.10 9.89
CA LEU A 202 -22.47 -7.10 9.65
C LEU A 202 -23.58 -7.67 8.75
N GLU A 203 -23.35 -8.72 7.99
CA GLU A 203 -24.48 -9.48 7.41
C GLU A 203 -25.20 -10.21 8.56
N ASP A 204 -24.47 -10.63 9.59
CA ASP A 204 -25.06 -11.38 10.72
C ASP A 204 -25.91 -10.45 11.56
N ASN A 205 -25.43 -9.25 11.81
CA ASN A 205 -26.21 -8.33 12.65
C ASN A 205 -27.37 -7.75 11.84
N TRP A 206 -27.20 -7.59 10.53
CA TRP A 206 -28.34 -7.30 9.60
C TRP A 206 -29.39 -8.40 9.68
N GLU A 207 -29.01 -9.66 9.86
CA GLU A 207 -30.03 -10.73 9.95
C GLU A 207 -30.75 -10.63 11.30
N THR A 208 -30.02 -10.40 12.40
CA THR A 208 -30.60 -10.35 13.77
C THR A 208 -31.49 -9.11 13.89
N LEU A 209 -31.13 -8.03 13.22
CA LEU A 209 -32.03 -6.86 13.19
C LEU A 209 -33.26 -7.20 12.35
N ASN A 210 -33.11 -7.65 11.13
CA ASN A 210 -34.25 -7.87 10.21
C ASN A 210 -35.19 -8.98 10.71
N ASP A 211 -34.66 -10.00 11.38
CA ASP A 211 -35.51 -11.07 11.98
C ASP A 211 -36.35 -10.51 13.13
N ASN A 212 -35.76 -9.70 13.99
CA ASN A 212 -36.49 -9.24 15.18
C ASN A 212 -37.48 -8.15 14.79
N LEU A 213 -37.19 -7.40 13.73
CA LEU A 213 -38.15 -6.40 13.21
C LEU A 213 -39.38 -7.13 12.65
N LYS A 214 -39.21 -8.29 12.06
CA LYS A 214 -40.36 -9.06 11.56
C LYS A 214 -41.07 -9.77 12.70
N VAL A 215 -40.39 -10.05 13.80
CA VAL A 215 -41.04 -10.64 14.99
C VAL A 215 -41.89 -9.59 15.68
N ILE A 216 -41.38 -8.37 15.77
CA ILE A 216 -42.12 -7.22 16.36
C ILE A 216 -43.37 -6.93 15.53
N GLU A 217 -43.27 -6.97 14.20
CA GLU A 217 -44.45 -6.70 13.33
C GLU A 217 -45.42 -7.89 13.28
N LYS A 218 -45.15 -9.01 13.94
CA LYS A 218 -46.16 -10.09 14.06
C LYS A 218 -46.72 -10.16 15.47
N ALA A 219 -46.17 -9.42 16.42
CA ALA A 219 -46.34 -9.73 17.86
C ALA A 219 -47.74 -9.35 18.37
N ASP A 220 -48.34 -10.26 19.14
CA ASP A 220 -49.65 -10.03 19.80
C ASP A 220 -49.44 -9.54 21.22
N ASN A 221 -48.34 -9.93 21.85
CA ASN A 221 -48.04 -9.70 23.27
C ASN A 221 -46.80 -8.81 23.45
N ALA A 222 -46.64 -8.26 24.65
CA ALA A 222 -45.56 -7.32 25.01
C ALA A 222 -44.24 -8.07 25.12
N ALA A 223 -44.30 -9.34 25.49
CA ALA A 223 -43.10 -10.16 25.78
C ALA A 223 -42.30 -10.38 24.48
N GLN A 224 -43.00 -10.67 23.38
CA GLN A 224 -42.37 -10.87 22.06
C GLN A 224 -41.80 -9.57 21.51
N VAL A 225 -42.34 -8.40 21.88
CA VAL A 225 -41.69 -7.16 21.42
C VAL A 225 -40.46 -6.94 22.29
N LYS A 226 -40.58 -7.15 23.60
CA LYS A 226 -39.50 -6.88 24.58
C LYS A 226 -38.32 -7.83 24.35
N ASP A 227 -38.61 -9.09 24.09
CA ASP A 227 -37.56 -10.07 23.74
C ASP A 227 -36.91 -9.70 22.41
N ALA A 228 -37.67 -9.29 21.40
CA ALA A 228 -37.06 -9.02 20.07
C ALA A 228 -36.29 -7.70 20.12
N LEU A 229 -36.71 -6.75 20.95
CA LEU A 229 -35.94 -5.51 21.06
C LEU A 229 -34.69 -5.72 21.92
N THR A 230 -34.73 -6.64 22.88
CA THR A 230 -33.54 -6.95 23.71
C THR A 230 -32.42 -7.51 22.83
N LYS A 231 -32.78 -8.42 21.94
CA LYS A 231 -31.81 -9.01 21.00
C LYS A 231 -31.48 -8.05 19.87
N MET A 232 -32.36 -7.10 19.58
CA MET A 232 -31.98 -5.97 18.69
C MET A 232 -30.97 -5.07 19.40
N ARG A 233 -31.17 -4.81 20.69
CA ARG A 233 -30.24 -4.00 21.49
C ARG A 233 -28.91 -4.74 21.59
N ALA A 234 -28.91 -6.07 21.51
CA ALA A 234 -27.64 -6.82 21.54
C ALA A 234 -26.90 -6.61 20.21
N ALA A 235 -27.57 -6.78 19.09
CA ALA A 235 -26.93 -6.74 17.75
C ALA A 235 -26.36 -5.34 17.50
N ALA A 236 -27.09 -4.29 17.84
CA ALA A 236 -26.64 -2.91 17.60
C ALA A 236 -25.40 -2.63 18.45
N LEU A 237 -25.36 -3.15 19.68
CA LEU A 237 -24.17 -3.02 20.56
C LEU A 237 -22.95 -3.69 19.91
N ASP A 238 -23.15 -4.83 19.25
CA ASP A 238 -22.04 -5.58 18.57
C ASP A 238 -21.50 -4.78 17.38
N ALA A 239 -22.34 -4.03 16.65
CA ALA A 239 -21.91 -3.29 15.43
C ALA A 239 -21.59 -1.82 15.80
N ASP A 245 -25.23 2.73 15.32
CA ASP A 245 -24.29 2.95 16.45
C ASP A 245 -25.05 3.53 17.65
N ILE A 246 -25.70 4.68 17.51
CA ILE A 246 -26.40 5.36 18.63
C ILE A 246 -27.89 5.03 18.59
N LEU A 247 -28.32 4.13 17.70
CA LEU A 247 -29.74 3.71 17.62
C LEU A 247 -30.04 2.74 18.76
N VAL A 248 -29.03 2.38 19.56
CA VAL A 248 -29.23 1.55 20.78
C VAL A 248 -30.17 2.31 21.72
N GLY A 249 -29.96 3.62 21.86
CA GLY A 249 -30.84 4.47 22.68
C GLY A 249 -32.25 4.52 22.12
N GLN A 250 -32.37 4.60 20.79
CA GLN A 250 -33.68 4.59 20.09
C GLN A 250 -34.33 3.21 20.35
N ILE A 251 -33.51 2.16 20.36
CA ILE A 251 -33.99 0.78 20.65
C ILE A 251 -34.34 0.72 22.13
N ASP A 252 -33.64 1.48 22.96
CA ASP A 252 -33.95 1.51 24.41
C ASP A 252 -35.22 2.32 24.67
N ASP A 253 -35.43 3.37 23.89
CA ASP A 253 -36.65 4.20 23.99
C ASP A 253 -37.82 3.28 23.67
N ALA A 254 -37.70 2.49 22.61
CA ALA A 254 -38.73 1.49 22.25
C ALA A 254 -38.72 0.34 23.26
N LEU A 255 -37.63 0.12 24.00
CA LEU A 255 -37.60 -1.01 24.97
C LEU A 255 -38.51 -0.69 26.16
N LYS A 256 -38.51 0.56 26.61
CA LYS A 256 -39.34 0.93 27.79
C LYS A 256 -40.80 1.13 27.38
N LEU A 257 -41.08 1.44 26.11
CA LEU A 257 -42.46 1.38 25.57
C LEU A 257 -42.99 -0.05 25.62
N ALA A 258 -42.17 -1.05 25.30
CA ALA A 258 -42.61 -2.45 25.37
C ALA A 258 -42.71 -2.90 26.84
N ASN A 259 -41.90 -2.31 27.71
CA ASN A 259 -41.78 -2.74 29.13
C ASN A 259 -43.03 -2.42 29.91
N GLU A 260 -43.84 -1.47 29.46
CA GLU A 260 -45.04 -1.02 30.21
C GLU A 260 -46.30 -1.41 29.45
N GLY A 261 -46.21 -2.42 28.59
CA GLY A 261 -47.38 -3.00 27.94
C GLY A 261 -47.80 -2.24 26.71
N LYS A 262 -47.15 -1.12 26.35
CA LYS A 262 -47.61 -0.33 25.18
C LYS A 262 -47.11 -1.03 23.92
N VAL A 263 -47.86 -2.03 23.47
CA VAL A 263 -47.39 -3.00 22.45
C VAL A 263 -47.31 -2.32 21.10
N LYS A 264 -48.41 -1.72 20.62
CA LYS A 264 -48.45 -1.12 19.27
C LYS A 264 -47.56 0.13 19.21
N GLU A 265 -47.33 0.79 20.35
CA GLU A 265 -46.51 2.02 20.37
C GLU A 265 -45.04 1.64 20.34
N ALA A 266 -44.70 0.50 20.94
CA ALA A 266 -43.34 -0.10 20.82
C ALA A 266 -43.15 -0.65 19.41
N GLN A 267 -44.18 -1.23 18.83
CA GLN A 267 -44.16 -1.73 17.44
C GLN A 267 -43.94 -0.59 16.46
N ALA A 268 -44.59 0.55 16.71
CA ALA A 268 -44.47 1.72 15.84
C ALA A 268 -43.04 2.28 15.95
N ALA A 269 -42.46 2.25 17.14
CA ALA A 269 -41.13 2.86 17.37
C ALA A 269 -40.02 1.96 16.81
N ALA A 270 -40.30 0.67 16.63
CA ALA A 270 -39.42 -0.27 15.92
C ALA A 270 -39.46 -0.01 14.42
N GLU A 271 -40.54 0.55 13.91
CA GLU A 271 -40.54 1.00 12.50
C GLU A 271 -39.71 2.27 12.35
N GLN A 272 -39.66 3.11 13.39
CA GLN A 272 -38.73 4.26 13.43
C GLN A 272 -37.28 3.75 13.58
N LEU A 273 -37.08 2.56 14.13
CA LEU A 273 -35.74 1.92 14.13
C LEU A 273 -35.34 1.51 12.72
N LYS A 274 -36.30 1.06 11.89
CA LYS A 274 -36.03 0.43 10.57
C LYS A 274 -35.42 1.45 9.60
N THR A 275 -35.73 2.72 9.76
CA THR A 275 -35.10 3.75 8.90
C THR A 275 -33.67 4.07 9.40
N THR A 276 -33.43 4.02 10.70
CA THR A 276 -32.07 4.32 11.21
C THR A 276 -31.18 3.11 10.90
N ILE A 277 -31.70 1.90 11.06
CA ILE A 277 -30.93 0.66 10.79
C ILE A 277 -30.48 0.67 9.33
N ASN A 278 -31.38 0.88 8.40
CA ASN A 278 -31.03 0.81 6.96
C ASN A 278 -29.94 1.86 6.64
N ALA A 279 -30.04 3.04 7.22
CA ALA A 279 -29.03 4.10 7.02
C ALA A 279 -27.69 3.64 7.58
N TYR A 280 -27.66 3.20 8.83
CA TYR A 280 -26.38 2.85 9.51
C TYR A 280 -25.75 1.61 8.85
N ILE A 281 -26.57 0.61 8.56
CA ILE A 281 -26.06 -0.64 7.95
C ILE A 281 -25.45 -0.27 6.60
N GLN A 282 -26.17 0.48 5.78
CA GLN A 282 -25.69 0.73 4.40
C GLN A 282 -24.39 1.57 4.45
N LYS A 283 -24.30 2.53 5.37
CA LYS A 283 -23.11 3.39 5.47
C LYS A 283 -21.91 2.54 5.87
N TYR A 284 -22.09 1.65 6.83
CA TYR A 284 -20.98 0.81 7.34
C TYR A 284 -20.71 -0.25 6.27
N GLY A 285 -21.76 -0.65 5.55
CA GLY A 285 -21.64 -1.63 4.46
C GLY A 285 -21.04 -1.05 3.20
N GLN A 286 -21.03 0.26 3.05
CA GLN A 286 -20.32 0.87 1.90
C GLN A 286 -18.84 1.01 2.26
N SER A 287 -18.51 1.32 3.50
CA SER A 287 -17.10 1.52 3.90
C SER A 287 -16.36 0.19 3.98
N ILE A 288 -17.07 -0.94 4.14
CA ILE A 288 -16.38 -2.25 4.06
C ILE A 288 -16.01 -2.49 2.59
N SER A 289 -16.93 -2.23 1.68
CA SER A 289 -16.61 -2.38 0.24
C SER A 289 -15.70 -1.25 -0.25
N ASN A 290 -15.61 -0.13 0.47
CA ASN A 290 -14.56 0.88 0.18
C ASN A 290 -13.19 0.32 0.54
N GLU A 291 -13.08 -0.18 1.77
CA GLU A 291 -11.86 -0.83 2.30
C GLU A 291 -11.45 -2.01 1.40
N GLN A 292 -12.36 -2.90 1.03
CA GLN A 292 -12.01 -4.10 0.25
C GLN A 292 -11.63 -3.73 -1.19
N LYS A 293 -12.22 -2.69 -1.75
CA LYS A 293 -11.78 -2.16 -3.06
C LYS A 293 -10.34 -1.66 -2.91
N ALA A 294 -10.05 -0.91 -1.84
CA ALA A 294 -8.77 -0.21 -1.65
C ALA A 294 -7.68 -1.22 -1.31
N CYS A 295 -8.03 -2.29 -0.61
CA CYS A 295 -7.12 -3.40 -0.29
C CYS A 295 -6.71 -4.10 -1.58
N LYS A 296 -7.61 -4.19 -2.53
CA LYS A 296 -7.33 -4.86 -3.83
C LYS A 296 -6.37 -4.02 -4.65
N VAL A 297 -6.54 -2.71 -4.66
CA VAL A 297 -5.67 -1.81 -5.48
C VAL A 297 -4.27 -1.81 -4.85
N LEU A 298 -4.20 -1.78 -3.52
CA LEU A 298 -2.93 -1.87 -2.80
C LEU A 298 -2.29 -3.21 -3.01
N GLY A 299 -3.08 -4.26 -3.10
CA GLY A 299 -2.50 -5.57 -3.39
C GLY A 299 -1.98 -5.71 -4.81
N ILE A 300 -2.48 -4.92 -5.77
CA ILE A 300 -1.88 -4.90 -7.13
C ILE A 300 -0.54 -4.18 -7.05
N VAL A 301 -0.48 -3.10 -6.27
CA VAL A 301 0.75 -2.30 -6.03
C VAL A 301 1.79 -3.17 -5.35
N PHE A 302 1.35 -3.93 -4.36
CA PHE A 302 2.22 -4.83 -3.59
C PHE A 302 2.73 -5.94 -4.52
N PHE A 303 1.87 -6.44 -5.38
CA PHE A 303 2.15 -7.61 -6.24
C PHE A 303 3.20 -7.23 -7.27
N LEU A 304 2.97 -6.11 -7.93
CA LEU A 304 3.86 -5.71 -9.04
C LEU A 304 5.18 -5.18 -8.50
N PHE A 305 5.28 -4.83 -7.22
CA PHE A 305 6.58 -4.50 -6.63
C PHE A 305 7.43 -5.75 -6.56
N VAL A 306 6.87 -6.81 -6.03
CA VAL A 306 7.66 -8.01 -5.70
C VAL A 306 7.93 -8.77 -6.98
N VAL A 307 6.94 -8.86 -7.85
CA VAL A 307 7.06 -9.60 -9.13
C VAL A 307 8.07 -8.91 -10.03
N MET A 308 8.15 -7.59 -10.03
CA MET A 308 9.08 -6.94 -10.97
C MET A 308 10.47 -6.83 -10.36
N TRP A 309 10.62 -7.14 -9.08
CA TRP A 309 11.95 -7.21 -8.45
C TRP A 309 12.36 -8.63 -8.15
N CYS A 310 11.47 -9.60 -8.27
CA CYS A 310 11.85 -11.01 -8.10
C CYS A 310 12.94 -11.46 -9.05
N PRO A 311 12.91 -11.24 -10.40
CA PRO A 311 14.01 -11.73 -11.22
C PRO A 311 15.38 -11.17 -10.86
N PHE A 312 15.44 -9.96 -10.31
CA PHE A 312 16.72 -9.38 -9.84
C PHE A 312 17.22 -10.14 -8.62
N PHE A 313 16.43 -10.17 -7.57
CA PHE A 313 16.85 -10.70 -6.24
C PHE A 313 17.13 -12.19 -6.31
N ILE A 314 16.34 -12.94 -7.06
CA ILE A 314 16.52 -14.40 -7.11
C ILE A 314 17.79 -14.69 -7.91
N THR A 315 18.04 -13.99 -9.03
CA THR A 315 19.30 -14.17 -9.82
C THR A 315 20.50 -13.75 -8.98
N ASN A 316 20.35 -12.69 -8.23
CA ASN A 316 21.43 -12.13 -7.42
C ASN A 316 21.72 -13.00 -6.20
N ILE A 317 20.88 -13.96 -5.89
CA ILE A 317 21.12 -14.90 -4.78
C ILE A 317 21.54 -16.24 -5.40
N MET A 318 20.99 -16.57 -6.56
CA MET A 318 21.60 -17.62 -7.41
C MET A 318 22.97 -17.20 -7.95
N ALA A 319 23.29 -15.90 -8.02
CA ALA A 319 24.67 -15.41 -8.25
C ALA A 319 25.57 -15.91 -7.13
N VAL A 320 25.11 -15.75 -5.89
CA VAL A 320 25.98 -15.99 -4.71
C VAL A 320 26.07 -17.50 -4.47
N ILE A 321 25.04 -18.26 -4.83
CA ILE A 321 25.07 -19.72 -4.54
C ILE A 321 26.00 -20.44 -5.52
N CYS A 322 25.79 -20.31 -6.83
CA CYS A 322 26.74 -20.88 -7.83
C CYS A 322 27.73 -19.79 -8.22
N LYS A 323 28.80 -19.61 -7.44
CA LYS A 323 29.61 -18.41 -7.69
C LYS A 323 30.63 -18.70 -8.78
N GLU A 324 31.45 -19.72 -8.59
CA GLU A 324 32.43 -20.12 -9.63
C GLU A 324 31.77 -21.00 -10.69
N SER A 325 30.64 -21.62 -10.35
CA SER A 325 29.98 -22.63 -11.22
C SER A 325 29.36 -21.94 -12.44
N CYS A 326 28.45 -21.02 -12.19
CA CYS A 326 27.64 -20.35 -13.21
C CYS A 326 28.44 -19.24 -13.86
N ASN A 327 27.99 -18.82 -15.03
CA ASN A 327 28.62 -17.72 -15.79
C ASN A 327 28.30 -16.38 -15.13
N GLU A 328 29.27 -15.79 -14.42
CA GLU A 328 29.07 -14.51 -13.68
C GLU A 328 28.88 -13.34 -14.66
N ASP A 329 29.26 -13.53 -15.91
CA ASP A 329 29.08 -12.50 -16.96
C ASP A 329 27.70 -12.64 -17.59
N VAL A 330 27.12 -13.83 -17.57
CA VAL A 330 25.72 -13.99 -18.01
C VAL A 330 24.77 -13.49 -16.93
N ILE A 331 25.00 -13.96 -15.71
CA ILE A 331 24.28 -13.53 -14.47
C ILE A 331 24.32 -12.01 -14.40
N GLY A 332 25.51 -11.44 -14.55
CA GLY A 332 25.71 -9.98 -14.49
C GLY A 332 25.01 -9.27 -15.64
N ALA A 333 24.83 -9.94 -16.79
CA ALA A 333 24.11 -9.33 -17.93
C ALA A 333 22.61 -9.44 -17.71
N LEU A 334 22.15 -10.54 -17.11
CA LEU A 334 20.73 -10.70 -16.76
C LEU A 334 20.37 -9.63 -15.74
N LEU A 335 21.24 -9.40 -14.76
CA LEU A 335 20.98 -8.42 -13.68
C LEU A 335 20.94 -7.00 -14.24
N ASN A 336 21.64 -6.70 -15.33
CA ASN A 336 21.52 -5.36 -15.96
C ASN A 336 20.17 -5.20 -16.67
N VAL A 337 19.51 -6.29 -16.99
CA VAL A 337 18.16 -6.25 -17.62
C VAL A 337 17.12 -6.26 -16.51
N PHE A 338 17.35 -7.11 -15.52
CA PHE A 338 16.41 -7.35 -14.41
C PHE A 338 16.32 -6.12 -13.52
N VAL A 339 17.36 -5.31 -13.48
CA VAL A 339 17.33 -4.02 -12.76
C VAL A 339 16.35 -3.07 -13.45
N TRP A 340 16.15 -3.20 -14.76
CA TRP A 340 15.19 -2.33 -15.48
C TRP A 340 13.78 -2.90 -15.50
N ILE A 341 13.59 -4.16 -15.16
CA ILE A 341 12.22 -4.63 -14.85
C ILE A 341 11.82 -3.91 -13.56
N GLY A 342 12.70 -3.88 -12.59
CA GLY A 342 12.36 -3.25 -11.31
C GLY A 342 12.36 -1.74 -11.40
N TYR A 343 13.07 -1.15 -12.34
CA TYR A 343 12.97 0.32 -12.49
C TYR A 343 11.65 0.68 -13.14
N LEU A 344 11.08 -0.25 -13.90
CA LEU A 344 9.83 -0.02 -14.67
C LEU A 344 8.67 0.04 -13.71
N ASN A 345 8.81 -0.59 -12.56
CA ASN A 345 7.83 -0.56 -11.45
C ASN A 345 7.60 0.83 -10.92
N SER A 346 8.61 1.68 -11.02
CA SER A 346 8.52 3.08 -10.55
C SER A 346 7.49 3.85 -11.38
N ALA A 347 7.38 3.52 -12.64
CA ALA A 347 6.41 4.14 -13.56
C ALA A 347 5.01 3.60 -13.32
N VAL A 348 4.81 2.43 -12.76
CA VAL A 348 3.49 1.73 -12.92
C VAL A 348 2.53 1.97 -11.75
N ASN A 349 3.02 2.32 -10.55
CA ASN A 349 2.13 2.71 -9.43
C ASN A 349 1.20 3.85 -9.83
N PRO A 350 1.62 4.92 -10.56
CA PRO A 350 0.63 5.85 -11.12
C PRO A 350 -0.40 5.26 -12.09
N LEU A 351 -0.01 4.25 -12.86
CA LEU A 351 -0.93 3.66 -13.86
C LEU A 351 -1.99 2.83 -13.13
N VAL A 352 -1.62 2.20 -12.02
CA VAL A 352 -2.58 1.43 -11.20
C VAL A 352 -3.62 2.39 -10.62
N TYR A 353 -3.21 3.61 -10.31
CA TYR A 353 -4.11 4.59 -9.66
C TYR A 353 -5.08 5.15 -10.69
N THR A 354 -4.65 5.30 -11.94
CA THR A 354 -5.57 5.69 -13.03
C THR A 354 -6.62 4.61 -13.23
N LEU A 355 -6.22 3.35 -13.24
CA LEU A 355 -7.16 2.29 -13.67
C LEU A 355 -8.20 1.98 -12.59
N PHE A 356 -7.87 2.15 -11.32
CA PHE A 356 -8.68 1.55 -10.24
C PHE A 356 -9.11 2.58 -9.20
N ASN A 357 -8.87 3.86 -9.42
CA ASN A 357 -9.31 4.92 -8.49
C ASN A 357 -9.75 6.08 -9.36
N LYS A 358 -11.04 6.39 -9.31
CA LYS A 358 -11.64 7.43 -10.19
C LYS A 358 -11.14 8.79 -9.75
N THR A 359 -10.77 8.95 -8.49
CA THR A 359 -10.30 10.26 -8.00
C THR A 359 -8.91 10.55 -8.56
N TYR A 360 -8.04 9.54 -8.61
CA TYR A 360 -6.70 9.69 -9.22
C TYR A 360 -6.82 9.90 -10.72
N ARG A 361 -7.66 9.10 -11.38
CA ARG A 361 -7.88 9.17 -12.84
C ARG A 361 -8.36 10.58 -13.20
N SER A 362 -9.21 11.18 -12.37
CA SER A 362 -9.79 12.51 -12.68
C SER A 362 -8.78 13.59 -12.39
N ALA A 363 -8.03 13.44 -11.32
CA ALA A 363 -7.08 14.49 -10.90
C ALA A 363 -6.06 14.63 -12.01
N PHE A 364 -5.47 13.52 -12.43
CA PHE A 364 -4.42 13.55 -13.47
C PHE A 364 -5.03 14.14 -14.73
N SER A 365 -6.25 13.70 -15.06
CA SER A 365 -6.98 14.22 -16.24
C SER A 365 -7.00 15.75 -16.17
N ARG A 366 -7.32 16.30 -15.01
CA ARG A 366 -7.40 17.77 -14.89
C ARG A 366 -6.01 18.39 -14.98
N TYR A 367 -4.98 17.70 -14.55
CA TYR A 367 -3.62 18.31 -14.47
C TYR A 367 -2.97 18.29 -15.84
N ILE A 368 -3.26 17.26 -16.62
CA ILE A 368 -2.88 17.16 -18.06
C ILE A 368 -3.55 18.29 -18.84
N GLN A 369 -4.77 18.69 -18.47
CA GLN A 369 -5.43 19.87 -19.09
C GLN A 369 -4.97 21.20 -18.47
N CYS A 370 -3.98 21.19 -17.56
CA CYS A 370 -3.40 22.35 -16.80
C CYS A 370 -4.52 23.11 -16.09
N GLN A 371 -5.17 22.41 -15.18
CA GLN A 371 -6.37 22.89 -14.49
C GLN A 371 -6.25 22.44 -13.05
N TYR A 372 -5.72 23.31 -12.20
CA TYR A 372 -5.21 22.91 -10.86
C TYR A 372 -6.12 23.43 -9.75
N LYS A 373 -7.14 24.23 -10.06
CA LYS A 373 -8.03 24.83 -9.03
C LYS A 373 -8.90 23.72 -8.43
N GLU A 374 -8.98 23.67 -7.10
CA GLU A 374 -9.74 22.62 -6.38
C GLU A 374 -11.23 22.93 -6.55
#